data_1KTS
#
_entry.id   1KTS
#
_cell.length_a   69.9
_cell.length_b   71.0
_cell.length_c   72.2
_cell.angle_alpha   90
_cell.angle_beta   99.8
_cell.angle_gamma   90
#
_symmetry.space_group_name_H-M   'C 1 2 1'
#
loop_
_entity.id
_entity.type
_entity.pdbx_description
1 polymer thrombin
2 polymer thrombin
3 polymer 'hirudin IIB'
4 non-polymer '3-({2-[(4-CARBAMIMIDOYL-PHENYLAMINO)-METHYL]-3-METHYL-3H-BENZOIMIDAZOLE-5-CARBONYL}-PYRIDIN-2-YL-AMINO)-PROPIONIC ACID ETHYL ESTER'
5 water water
#
loop_
_entity_poly.entity_id
_entity_poly.type
_entity_poly.pdbx_seq_one_letter_code
_entity_poly.pdbx_strand_id
1 'polypeptide(L)' TFGSGEADCGLRPLFEKKSLEDKTERELLESYIDGR A
2 'polypeptide(L)'
;IVEGSDAEIGMSPWQVMLFRKSPQELLCGASLISDRWVLTAAHCLLYPPWDKNFTENDLLVRIGKHSRTRYERNIEKISM
LEKIYIHPRYNWRENLDRDIALMKLKKPVAFSDYIHPVCLPDRETAASLLQAGYKGRVTGWGNLKETWTANVGKGQPSVL
QVVNLPIVERPVCKDSTRIRITDNMFCAGYKPDEGKRGDACEGDSGGPFVMKSPFNNRWYQMGIVSWGEGCDRDGKYGFY
THVFRLKKWIQKVIDQFGE
;
B
3 'polypeptide(L)' DFEEIPEE(TYS)LQ C
#
loop_
_chem_comp.id
_chem_comp.type
_chem_comp.name
_chem_comp.formula
C24 non-polymer '3-({2-[(4-CARBAMIMIDOYL-PHENYLAMINO)-METHYL]-3-METHYL-3H-BENZOIMIDAZOLE-5-CARBONYL}-PYRIDIN-2-YL-AMINO)-PROPIONIC ACID ETHYL ESTER' 'C27 H29 N7 O3'
#
# COMPACT_ATOMS: atom_id res chain seq x y z
N GLU A 6 11.20 -12.68 -4.62
CA GLU A 6 11.53 -12.51 -6.05
C GLU A 6 13.00 -12.07 -6.15
N ALA A 7 13.63 -12.32 -7.28
CA ALA A 7 15.03 -11.92 -7.44
C ALA A 7 15.12 -10.65 -8.28
N ASP A 8 13.97 -10.11 -8.64
CA ASP A 8 13.91 -8.90 -9.46
C ASP A 8 12.98 -7.88 -8.77
N CYS A 9 12.53 -8.23 -7.57
CA CYS A 9 11.62 -7.37 -6.84
C CYS A 9 12.26 -6.08 -6.40
N GLY A 10 11.47 -5.01 -6.37
CA GLY A 10 11.99 -3.74 -5.92
C GLY A 10 12.89 -3.00 -6.87
N LEU A 11 13.12 -3.56 -8.06
CA LEU A 11 13.95 -2.91 -9.07
C LEU A 11 12.98 -2.48 -10.18
N ARG A 12 12.71 -1.19 -10.25
CA ARG A 12 11.75 -0.65 -11.21
C ARG A 12 12.23 -0.51 -12.62
N PRO A 13 11.44 -0.99 -13.60
CA PRO A 13 11.86 -0.88 -15.00
C PRO A 13 12.24 0.52 -15.43
N LEU A 14 11.38 1.52 -15.17
CA LEU A 14 11.67 2.87 -15.62
C LEU A 14 12.70 3.67 -14.84
N PHE A 15 13.18 3.14 -13.73
CA PHE A 15 14.16 3.87 -12.94
C PHE A 15 15.44 3.08 -12.66
N GLU A 16 15.41 2.22 -11.65
CA GLU A 16 16.59 1.42 -11.30
C GLU A 16 17.15 0.65 -12.47
N LYS A 17 16.31 -0.12 -13.14
CA LYS A 17 16.71 -0.91 -14.29
C LYS A 17 17.53 -0.13 -15.32
N LYS A 18 17.33 1.17 -15.43
CA LYS A 18 18.08 2.00 -16.38
C LYS A 18 18.82 3.12 -15.68
N SER A 19 19.11 2.88 -14.40
CA SER A 19 19.82 3.81 -13.54
C SER A 19 19.29 5.23 -13.53
N LEU A 20 17.97 5.36 -13.57
CA LEU A 20 17.33 6.67 -13.51
C LEU A 20 16.68 6.77 -12.13
N GLU A 21 16.85 7.89 -11.45
CA GLU A 21 16.25 8.05 -10.14
C GLU A 21 15.10 9.04 -10.23
N ASP A 22 14.01 8.77 -9.50
CA ASP A 22 12.85 9.65 -9.52
C ASP A 22 12.99 10.94 -8.72
N LYS A 23 12.09 11.87 -8.98
CA LYS A 23 12.07 13.20 -8.37
C LYS A 23 12.22 13.31 -6.86
N THR A 24 11.68 12.37 -6.09
CA THR A 24 11.78 12.51 -4.65
C THR A 24 12.47 11.42 -3.85
N GLU A 25 13.00 10.39 -4.51
CA GLU A 25 13.68 9.32 -3.78
C GLU A 25 14.87 9.77 -2.96
N ARG A 26 15.61 10.77 -3.41
CA ARG A 26 16.77 11.24 -2.66
C ARG A 26 16.40 11.74 -1.26
N GLU A 27 15.16 12.22 -1.12
CA GLU A 27 14.64 12.72 0.15
C GLU A 27 14.51 11.59 1.16
N LEU A 28 14.31 10.38 0.66
CA LEU A 28 14.17 9.20 1.49
C LEU A 28 15.53 8.76 2.00
N LEU A 29 16.43 8.55 1.05
CA LEU A 29 17.77 8.10 1.33
C LEU A 29 18.57 9.13 2.16
N GLU A 30 18.19 10.40 2.07
CA GLU A 30 18.86 11.44 2.86
C GLU A 30 18.41 11.41 4.32
N SER A 31 17.34 10.68 4.61
CA SER A 31 16.81 10.59 5.97
C SER A 31 17.31 9.36 6.70
N TYR A 32 18.13 8.57 6.03
CA TYR A 32 18.67 7.35 6.62
C TYR A 32 20.07 7.65 7.20
N ILE B 1 -4.31 10.79 -1.14
CA ILE B 1 -3.13 11.32 -0.42
C ILE B 1 -3.35 12.80 -0.15
N VAL B 2 -3.20 13.20 1.11
CA VAL B 2 -3.34 14.59 1.51
C VAL B 2 -1.93 15.18 1.54
N GLU B 3 -1.74 16.27 0.80
CA GLU B 3 -0.43 16.94 0.72
C GLU B 3 0.62 16.09 0.00
N GLY B 4 0.18 15.27 -0.95
CA GLY B 4 1.10 14.47 -1.72
C GLY B 4 1.45 15.16 -3.01
N SER B 5 1.86 14.39 -4.02
CA SER B 5 2.23 14.94 -5.32
C SER B 5 1.90 13.93 -6.38
N ASP B 6 1.83 14.37 -7.63
CA ASP B 6 1.52 13.52 -8.78
C ASP B 6 2.62 12.53 -9.09
N ALA B 7 2.27 11.25 -9.09
CA ALA B 7 3.26 10.20 -9.37
C ALA B 7 3.79 10.28 -10.79
N GLU B 8 5.06 9.87 -10.96
CA GLU B 8 5.70 9.84 -12.28
C GLU B 8 5.34 8.46 -12.81
N ILE B 9 5.29 8.31 -14.12
CA ILE B 9 4.94 7.01 -14.66
C ILE B 9 5.94 5.96 -14.20
N GLY B 10 5.43 4.77 -13.89
CA GLY B 10 6.27 3.67 -13.46
C GLY B 10 7.03 3.92 -12.16
N MET B 11 6.66 4.96 -11.44
CA MET B 11 7.32 5.30 -10.18
C MET B 11 6.97 4.30 -9.09
N SER B 12 5.82 3.66 -9.23
CA SER B 12 5.33 2.71 -8.25
C SER B 12 4.64 1.60 -9.03
N PRO B 13 5.42 0.79 -9.74
CA PRO B 13 4.91 -0.32 -10.54
C PRO B 13 4.26 -1.47 -9.78
N TRP B 14 4.34 -1.45 -8.47
CA TRP B 14 3.71 -2.51 -7.68
C TRP B 14 2.35 -2.05 -7.15
N GLN B 15 1.97 -0.81 -7.46
CA GLN B 15 0.71 -0.28 -7.00
C GLN B 15 -0.46 -1.00 -7.63
N VAL B 16 -1.40 -1.39 -6.79
CA VAL B 16 -2.59 -2.11 -7.19
C VAL B 16 -3.81 -1.32 -6.72
N MET B 17 -4.92 -1.44 -7.46
CA MET B 17 -6.16 -0.76 -7.13
C MET B 17 -7.19 -1.83 -6.90
N LEU B 18 -7.80 -1.84 -5.71
CA LEU B 18 -8.84 -2.80 -5.40
C LEU B 18 -10.09 -2.13 -5.97
N PHE B 19 -10.73 -2.81 -6.91
CA PHE B 19 -11.87 -2.22 -7.58
C PHE B 19 -13.13 -3.05 -7.43
N ARG B 20 -14.20 -2.38 -7.02
CA ARG B 20 -15.49 -3.01 -6.83
C ARG B 20 -16.17 -3.16 -8.18
N LYS B 21 -16.67 -4.36 -8.45
CA LYS B 21 -17.35 -4.64 -9.70
C LYS B 21 -18.64 -3.84 -9.86
N SER B 22 -19.47 -3.80 -8.82
CA SER B 22 -20.72 -3.06 -8.86
C SER B 22 -21.16 -2.58 -7.48
N PRO B 23 -21.26 -1.24 -7.29
CA PRO B 23 -20.98 -0.25 -8.32
C PRO B 23 -19.47 -0.19 -8.59
N GLN B 24 -19.09 0.07 -9.84
CA GLN B 24 -17.68 0.17 -10.20
C GLN B 24 -17.06 1.31 -9.38
N GLU B 25 -16.23 0.97 -8.41
CA GLU B 25 -15.60 1.99 -7.55
C GLU B 25 -14.32 1.52 -6.85
N LEU B 26 -13.48 2.48 -6.46
CA LEU B 26 -12.22 2.20 -5.76
C LEU B 26 -12.57 1.72 -4.37
N LEU B 27 -11.87 0.69 -3.92
CA LEU B 27 -12.09 0.15 -2.59
C LEU B 27 -10.90 0.49 -1.71
N CYS B 28 -9.70 0.21 -2.23
CA CYS B 28 -8.46 0.46 -1.52
C CYS B 28 -7.29 0.39 -2.48
N GLY B 29 -6.10 0.52 -1.90
CA GLY B 29 -4.88 0.37 -2.66
C GLY B 29 -4.46 -1.07 -2.32
N ALA B 30 -3.35 -1.52 -2.88
CA ALA B 30 -2.87 -2.85 -2.61
C ALA B 30 -1.52 -2.90 -3.28
N SER B 31 -0.80 -4.01 -3.16
CA SER B 31 0.52 -4.11 -3.79
C SER B 31 0.81 -5.46 -4.45
N LEU B 32 1.60 -5.41 -5.51
CA LEU B 32 1.97 -6.59 -6.27
C LEU B 32 3.25 -7.14 -5.64
N ILE B 33 3.19 -8.34 -5.05
CA ILE B 33 4.38 -8.92 -4.44
C ILE B 33 4.99 -10.05 -5.29
N SER B 34 4.16 -10.71 -6.10
CA SER B 34 4.59 -11.76 -7.01
C SER B 34 3.59 -11.68 -8.16
N ASP B 35 3.72 -12.52 -9.17
CA ASP B 35 2.80 -12.45 -10.29
C ASP B 35 1.43 -13.04 -10.04
N ARG B 36 1.20 -13.57 -8.84
CA ARG B 36 -0.10 -14.15 -8.48
C ARG B 36 -0.61 -13.67 -7.12
N TRP B 37 0.17 -12.82 -6.45
CA TRP B 37 -0.20 -12.34 -5.12
C TRP B 37 -0.18 -10.84 -4.99
N VAL B 38 -1.27 -10.34 -4.42
CA VAL B 38 -1.47 -8.93 -4.16
C VAL B 38 -1.70 -8.82 -2.66
N LEU B 39 -0.99 -7.90 -2.02
CA LEU B 39 -1.07 -7.69 -0.59
C LEU B 39 -1.90 -6.43 -0.31
N THR B 40 -2.74 -6.46 0.72
CA THR B 40 -3.61 -5.33 1.07
C THR B 40 -3.95 -5.42 2.57
N ALA B 41 -4.77 -4.51 3.07
CA ALA B 41 -5.17 -4.53 4.48
C ALA B 41 -6.39 -5.43 4.59
N ALA B 42 -6.51 -6.13 5.72
CA ALA B 42 -7.67 -7.01 5.91
C ALA B 42 -8.99 -6.24 5.97
N HIS B 43 -8.93 -5.00 6.48
CA HIS B 43 -10.13 -4.16 6.58
C HIS B 43 -10.75 -3.79 5.21
N CYS B 44 -10.02 -4.05 4.13
CA CYS B 44 -10.52 -3.76 2.78
C CYS B 44 -11.50 -4.84 2.37
N LEU B 45 -11.31 -6.02 2.95
CA LEU B 45 -12.16 -7.15 2.66
C LEU B 45 -13.17 -7.39 3.79
N LEU B 46 -12.75 -7.15 5.04
CA LEU B 46 -13.63 -7.37 6.17
C LEU B 46 -13.52 -6.37 7.31
N TYR B 47 -14.61 -5.67 7.54
CA TYR B 47 -14.72 -4.70 8.61
C TYR B 47 -16.19 -4.49 8.88
N PRO B 48 -16.79 -5.35 9.73
CA PRO B 48 -18.20 -5.33 10.12
C PRO B 48 -18.77 -3.95 10.54
N PRO B 49 -17.99 -3.10 11.23
CA PRO B 49 -18.57 -1.81 11.58
C PRO B 49 -19.06 -1.04 10.36
N TRP B 50 -18.21 -0.97 9.34
CA TRP B 50 -18.55 -0.26 8.11
C TRP B 50 -19.32 -1.17 7.17
N ASP B 51 -19.72 -2.34 7.67
CA ASP B 51 -20.49 -3.30 6.91
C ASP B 51 -19.76 -3.85 5.69
N LYS B 52 -18.46 -4.03 5.83
CA LYS B 52 -17.64 -4.54 4.75
C LYS B 52 -17.31 -6.03 4.94
N ASN B 53 -17.62 -6.85 3.95
CA ASN B 53 -17.33 -8.29 4.00
C ASN B 53 -17.35 -8.92 2.60
N PHE B 54 -16.40 -8.53 1.77
CA PHE B 54 -16.30 -9.00 0.39
C PHE B 54 -15.87 -10.44 0.14
N THR B 55 -16.30 -10.98 -0.99
CA THR B 55 -15.90 -12.31 -1.43
C THR B 55 -15.09 -12.06 -2.70
N GLU B 56 -14.31 -13.04 -3.13
CA GLU B 56 -13.49 -12.92 -4.34
C GLU B 56 -14.25 -12.38 -5.53
N ASN B 57 -15.39 -12.99 -5.82
CA ASN B 57 -16.20 -12.59 -6.97
C ASN B 57 -16.88 -11.24 -6.88
N ASP B 58 -16.48 -10.42 -5.91
CA ASP B 58 -17.03 -9.10 -5.72
C ASP B 58 -16.00 -8.08 -6.15
N LEU B 59 -14.78 -8.55 -6.34
CA LEU B 59 -13.69 -7.67 -6.62
C LEU B 59 -12.89 -7.97 -7.89
N LEU B 60 -12.28 -6.91 -8.39
CA LEU B 60 -11.42 -6.94 -9.55
C LEU B 60 -10.16 -6.19 -9.10
N VAL B 61 -9.01 -6.64 -9.58
CA VAL B 61 -7.74 -6.03 -9.23
C VAL B 61 -7.23 -5.33 -10.48
N ARG B 62 -6.91 -4.06 -10.36
CA ARG B 62 -6.43 -3.30 -11.51
C ARG B 62 -4.99 -2.91 -11.30
N ILE B 63 -4.11 -3.53 -12.08
CA ILE B 63 -2.67 -3.31 -11.96
C ILE B 63 -2.08 -2.56 -13.15
N GLY B 64 -1.05 -1.75 -12.89
CA GLY B 64 -0.38 -0.99 -13.93
C GLY B 64 -0.93 0.40 -14.12
N LYS B 65 -1.89 0.78 -13.29
CA LYS B 65 -2.54 2.08 -13.39
C LYS B 65 -1.75 3.30 -12.95
N HIS B 66 -2.20 4.45 -13.43
CA HIS B 66 -1.62 5.76 -13.11
C HIS B 66 -2.81 6.69 -12.96
N SER B 67 -3.68 6.67 -13.97
CA SER B 67 -4.89 7.47 -13.98
C SER B 67 -5.87 6.83 -13.00
N ARG B 68 -6.62 7.66 -12.30
CA ARG B 68 -7.57 7.17 -11.32
C ARG B 68 -8.78 6.46 -11.93
N THR B 69 -9.57 7.20 -12.70
CA THR B 69 -10.81 6.67 -13.29
C THR B 69 -10.76 6.07 -14.68
N ARG B 70 -9.82 6.55 -15.49
CA ARG B 70 -9.70 6.09 -16.86
C ARG B 70 -9.17 4.66 -17.03
N TYR B 71 -9.81 3.88 -17.89
CA TYR B 71 -9.33 2.52 -18.15
C TYR B 71 -8.14 2.67 -19.09
N GLU B 72 -6.94 2.47 -18.56
CA GLU B 72 -5.74 2.63 -19.35
C GLU B 72 -5.38 1.43 -20.22
N ARG B 73 -5.99 1.43 -21.41
CA ARG B 73 -5.82 0.39 -22.42
C ARG B 73 -4.36 0.20 -22.77
N ASN B 74 -3.96 -1.06 -22.94
CA ASN B 74 -2.60 -1.38 -23.29
C ASN B 74 -1.56 -1.15 -22.18
N ILE B 75 -1.98 -0.53 -21.08
CA ILE B 75 -1.06 -0.26 -19.96
C ILE B 75 -1.40 -1.07 -18.72
N GLU B 76 -2.63 -0.94 -18.22
CA GLU B 76 -3.06 -1.69 -17.04
C GLU B 76 -3.53 -3.08 -17.44
N LYS B 77 -3.69 -3.93 -16.44
CA LYS B 77 -4.20 -5.27 -16.66
C LYS B 77 -5.13 -5.49 -15.46
N ILE B 78 -6.28 -6.10 -15.72
CA ILE B 78 -7.26 -6.33 -14.67
C ILE B 78 -7.37 -7.82 -14.36
N SER B 79 -7.22 -8.17 -13.08
CA SER B 79 -7.30 -9.56 -12.68
C SER B 79 -8.47 -9.86 -11.76
N MET B 80 -8.83 -11.13 -11.71
CA MET B 80 -9.94 -11.60 -10.89
C MET B 80 -9.32 -12.35 -9.71
N LEU B 81 -10.01 -12.35 -8.58
CA LEU B 81 -9.49 -13.03 -7.40
C LEU B 81 -9.85 -14.50 -7.39
N GLU B 82 -8.87 -15.32 -7.10
CA GLU B 82 -9.08 -16.75 -7.00
C GLU B 82 -9.43 -17.04 -5.55
N LYS B 83 -8.62 -16.51 -4.64
CA LYS B 83 -8.86 -16.72 -3.23
C LYS B 83 -8.32 -15.60 -2.38
N ILE B 84 -9.09 -15.24 -1.37
CA ILE B 84 -8.74 -14.20 -0.43
C ILE B 84 -8.30 -14.87 0.88
N TYR B 85 -7.28 -14.33 1.51
CA TYR B 85 -6.78 -14.88 2.77
C TYR B 85 -6.59 -13.75 3.79
N ILE B 86 -7.32 -13.82 4.89
CA ILE B 86 -7.20 -12.81 5.93
C ILE B 86 -6.49 -13.41 7.13
N HIS B 87 -5.65 -12.63 7.78
CA HIS B 87 -4.91 -13.10 8.94
C HIS B 87 -5.87 -13.69 9.96
N PRO B 88 -5.68 -14.96 10.31
CA PRO B 88 -6.54 -15.65 11.28
C PRO B 88 -6.63 -14.99 12.66
N ARG B 89 -5.76 -14.04 12.95
CA ARG B 89 -5.76 -13.34 14.23
C ARG B 89 -5.84 -11.82 14.07
N TYR B 90 -6.48 -11.38 13.00
CA TYR B 90 -6.67 -9.94 12.74
C TYR B 90 -7.79 -9.43 13.68
N ASN B 91 -7.50 -8.41 14.47
CA ASN B 91 -8.47 -7.87 15.42
C ASN B 91 -9.26 -6.66 14.89
N TRP B 92 -10.37 -6.91 14.19
CA TRP B 92 -11.17 -5.81 13.65
C TRP B 92 -12.01 -5.21 14.76
N ARG B 93 -12.34 -6.05 15.73
CA ARG B 93 -13.15 -5.65 16.85
C ARG B 93 -12.53 -4.56 17.69
N GLU B 94 -11.27 -4.73 18.07
CA GLU B 94 -10.62 -3.73 18.92
C GLU B 94 -9.75 -2.66 18.28
N ASN B 95 -8.58 -3.04 17.76
CA ASN B 95 -7.65 -2.05 17.22
C ASN B 95 -7.04 -2.31 15.84
N LEU B 96 -7.67 -3.17 15.05
CA LEU B 96 -7.14 -3.50 13.71
C LEU B 96 -5.72 -4.08 13.78
N ASP B 97 -5.49 -4.90 14.81
CA ASP B 97 -4.21 -5.56 15.02
C ASP B 97 -4.12 -6.68 13.98
N ARG B 98 -2.98 -6.77 13.28
CA ARG B 98 -2.74 -7.79 12.24
C ARG B 98 -3.62 -7.52 11.04
N ASP B 99 -3.71 -6.25 10.66
CA ASP B 99 -4.52 -5.78 9.54
C ASP B 99 -3.79 -6.11 8.23
N ILE B 100 -3.98 -7.33 7.74
CA ILE B 100 -3.31 -7.75 6.51
C ILE B 100 -4.05 -8.90 5.86
N ALA B 101 -3.92 -9.01 4.54
CA ALA B 101 -4.57 -10.08 3.79
C ALA B 101 -3.88 -10.22 2.45
N LEU B 102 -4.04 -11.41 1.88
CA LEU B 102 -3.46 -11.76 0.60
C LEU B 102 -4.56 -12.17 -0.36
N MET B 103 -4.34 -11.83 -1.62
CA MET B 103 -5.27 -12.16 -2.68
C MET B 103 -4.49 -12.87 -3.77
N LYS B 104 -4.95 -14.06 -4.12
CA LYS B 104 -4.32 -14.86 -5.16
C LYS B 104 -5.08 -14.60 -6.44
N LEU B 105 -4.40 -14.07 -7.44
CA LEU B 105 -5.03 -13.77 -8.74
C LEU B 105 -5.40 -15.08 -9.43
N LYS B 106 -6.46 -15.05 -10.24
CA LYS B 106 -6.92 -16.23 -10.95
C LYS B 106 -5.86 -16.76 -11.90
N LYS B 107 -5.10 -15.84 -12.49
CA LYS B 107 -4.01 -16.21 -13.38
C LYS B 107 -2.92 -15.16 -13.25
N PRO B 108 -1.65 -15.57 -13.36
CA PRO B 108 -0.52 -14.65 -13.24
C PRO B 108 -0.55 -13.45 -14.18
N VAL B 109 -0.15 -12.31 -13.65
CA VAL B 109 -0.10 -11.10 -14.44
C VAL B 109 1.31 -10.91 -14.97
N ALA B 110 1.41 -10.45 -16.21
CA ALA B 110 2.69 -10.23 -16.84
C ALA B 110 3.30 -8.93 -16.38
N PHE B 111 4.57 -8.96 -16.03
CA PHE B 111 5.23 -7.75 -15.60
C PHE B 111 5.49 -6.94 -16.84
N SER B 112 5.71 -5.65 -16.65
CA SER B 112 5.98 -4.76 -17.75
C SER B 112 6.66 -3.53 -17.17
N ASP B 113 6.68 -2.45 -17.92
CA ASP B 113 7.30 -1.20 -17.48
C ASP B 113 6.49 -0.52 -16.39
N TYR B 114 5.21 -0.85 -16.32
CA TYR B 114 4.27 -0.25 -15.38
C TYR B 114 3.80 -1.24 -14.32
N ILE B 115 4.14 -2.51 -14.50
CA ILE B 115 3.77 -3.59 -13.58
C ILE B 115 5.01 -4.37 -13.14
N HIS B 116 5.37 -4.26 -11.86
CA HIS B 116 6.56 -4.94 -11.32
C HIS B 116 6.37 -5.07 -9.81
N PRO B 117 6.70 -6.22 -9.23
CA PRO B 117 6.56 -6.47 -7.79
C PRO B 117 7.54 -5.74 -6.85
N VAL B 118 7.09 -5.58 -5.60
CA VAL B 118 7.86 -4.94 -4.53
C VAL B 118 8.42 -6.08 -3.67
N CYS B 119 9.56 -5.86 -3.04
CA CYS B 119 10.14 -6.87 -2.17
C CYS B 119 9.55 -6.80 -0.77
N LEU B 120 9.37 -7.96 -0.15
CA LEU B 120 8.90 -7.98 1.23
C LEU B 120 10.19 -8.04 2.02
N PRO B 121 10.29 -7.27 3.12
CA PRO B 121 11.49 -7.26 3.94
C PRO B 121 11.79 -8.53 4.78
N ASP B 122 13.02 -8.62 5.26
CA ASP B 122 13.41 -9.71 6.13
C ASP B 122 13.95 -9.06 7.40
N ARG B 123 14.06 -9.82 8.48
CA ARG B 123 14.52 -9.33 9.78
C ARG B 123 15.58 -8.24 9.78
N GLU B 124 16.59 -8.43 8.96
CA GLU B 124 17.68 -7.47 8.88
C GLU B 124 17.24 -6.17 8.20
N THR B 125 16.43 -6.29 7.16
CA THR B 125 15.94 -5.10 6.44
C THR B 125 15.07 -4.25 7.35
N ALA B 126 14.11 -4.90 8.01
CA ALA B 126 13.22 -4.22 8.94
C ALA B 126 14.04 -3.56 10.02
N ALA B 127 15.05 -4.28 10.51
CA ALA B 127 15.93 -3.78 11.56
C ALA B 127 16.60 -2.47 11.19
N SER B 128 17.37 -2.48 10.11
CA SER B 128 18.09 -1.28 9.69
C SER B 128 17.28 -0.10 9.17
N LEU B 129 16.11 -0.37 8.61
CA LEU B 129 15.26 0.68 8.05
C LEU B 129 14.14 1.23 8.91
N LEU B 130 13.39 0.35 9.54
CA LEU B 130 12.26 0.75 10.37
C LEU B 130 12.75 1.44 11.63
N GLN B 131 13.16 2.69 11.49
CA GLN B 131 13.64 3.49 12.61
C GLN B 131 12.98 4.86 12.53
N ALA B 132 12.66 5.45 13.69
CA ALA B 132 12.02 6.76 13.73
C ALA B 132 12.84 7.83 13.03
N GLY B 133 12.19 8.59 12.15
CA GLY B 133 12.87 9.66 11.42
C GLY B 133 13.06 9.31 9.95
N TYR B 134 13.24 8.02 9.69
CA TYR B 134 13.42 7.48 8.35
C TYR B 134 12.13 7.66 7.55
N LYS B 135 12.28 8.20 6.35
CA LYS B 135 11.15 8.46 5.50
C LYS B 135 10.81 7.33 4.55
N GLY B 136 9.56 6.90 4.62
CA GLY B 136 9.08 5.86 3.75
C GLY B 136 8.20 6.59 2.77
N ARG B 137 7.55 5.87 1.87
CA ARG B 137 6.70 6.52 0.88
C ARG B 137 5.36 5.85 0.81
N VAL B 138 4.30 6.66 0.73
CA VAL B 138 2.94 6.12 0.62
C VAL B 138 2.33 6.64 -0.68
N THR B 139 1.59 5.80 -1.38
CA THR B 139 0.97 6.17 -2.66
C THR B 139 -0.52 5.78 -2.72
N GLY B 140 -1.29 6.52 -3.52
CA GLY B 140 -2.71 6.19 -3.63
C GLY B 140 -3.55 7.09 -4.51
N TRP B 141 -4.77 6.64 -4.79
CA TRP B 141 -5.73 7.34 -5.64
C TRP B 141 -6.90 7.87 -4.80
N GLY B 142 -6.73 7.84 -3.49
CA GLY B 142 -7.77 8.28 -2.58
C GLY B 142 -7.80 9.77 -2.32
N ASN B 143 -8.76 10.17 -1.49
CA ASN B 143 -8.99 11.55 -1.11
C ASN B 143 -7.77 12.43 -0.96
N LEU B 144 -7.89 13.64 -1.49
CA LEU B 144 -6.85 14.65 -1.43
C LEU B 144 -7.09 15.57 -0.22
N LYS B 145 -8.28 15.45 0.38
CA LYS B 145 -8.65 16.26 1.53
C LYS B 145 -9.46 15.38 2.44
N GLU B 146 -9.28 15.54 3.75
CA GLU B 146 -10.02 14.73 4.73
C GLU B 146 -11.53 14.80 4.51
N THR B 147 -11.98 15.98 4.10
CA THR B 147 -13.38 16.23 3.84
C THR B 147 -13.47 17.59 3.13
N GLY B 155 -10.74 16.95 -3.50
CA GLY B 155 -11.62 15.78 -3.69
C GLY B 155 -10.80 14.54 -4.01
N GLN B 156 -11.17 13.84 -5.08
CA GLN B 156 -10.46 12.64 -5.55
C GLN B 156 -9.37 13.12 -6.54
N PRO B 157 -8.23 12.41 -6.62
CA PRO B 157 -7.19 12.84 -7.56
C PRO B 157 -7.40 12.28 -8.96
N SER B 158 -6.73 12.89 -9.93
CA SER B 158 -6.84 12.44 -11.30
C SER B 158 -5.83 11.33 -11.53
N VAL B 159 -4.66 11.51 -10.93
CA VAL B 159 -3.56 10.58 -11.08
C VAL B 159 -3.11 10.04 -9.72
N LEU B 160 -2.35 8.94 -9.74
CA LEU B 160 -1.80 8.32 -8.54
C LEU B 160 -0.97 9.37 -7.79
N GLN B 161 -1.19 9.49 -6.48
CA GLN B 161 -0.47 10.45 -5.66
C GLN B 161 0.65 9.79 -4.86
N VAL B 162 1.59 10.60 -4.39
CA VAL B 162 2.72 10.08 -3.63
C VAL B 162 3.20 11.09 -2.59
N VAL B 163 3.51 10.60 -1.39
CA VAL B 163 4.00 11.46 -0.33
C VAL B 163 5.03 10.70 0.48
N ASN B 164 6.14 11.36 0.81
CA ASN B 164 7.20 10.73 1.59
C ASN B 164 6.95 11.20 3.02
N LEU B 165 6.77 10.24 3.94
CA LEU B 165 6.50 10.54 5.36
C LEU B 165 7.48 9.86 6.30
N PRO B 166 7.93 10.56 7.35
CA PRO B 166 8.88 9.97 8.30
C PRO B 166 8.20 9.11 9.36
N ILE B 167 8.92 8.07 9.78
CA ILE B 167 8.45 7.13 10.81
C ILE B 167 8.58 7.81 12.18
N VAL B 168 7.48 7.82 12.93
CA VAL B 168 7.43 8.45 14.25
C VAL B 168 7.78 7.46 15.37
N GLU B 169 8.33 7.97 16.47
CA GLU B 169 8.71 7.16 17.63
C GLU B 169 7.49 6.50 18.25
N ARG B 170 7.63 5.26 18.73
CA ARG B 170 6.51 4.53 19.34
C ARG B 170 5.75 5.36 20.37
N PRO B 171 6.48 6.04 21.28
CA PRO B 171 5.87 6.88 22.31
C PRO B 171 4.95 7.95 21.73
N VAL B 172 5.45 8.68 20.74
CA VAL B 172 4.65 9.74 20.13
C VAL B 172 3.38 9.15 19.52
N CYS B 173 3.50 7.99 18.87
CA CYS B 173 2.34 7.34 18.26
C CYS B 173 1.28 7.03 19.33
N LYS B 174 1.70 6.34 20.38
CA LYS B 174 0.83 5.98 21.50
C LYS B 174 0.15 7.22 22.10
N ASP B 175 0.95 8.26 22.31
CA ASP B 175 0.47 9.50 22.88
C ASP B 175 -0.37 10.35 21.93
N SER B 176 -0.72 9.80 20.77
CA SER B 176 -1.53 10.55 19.81
C SER B 176 -2.96 9.99 19.70
N THR B 177 -3.19 8.84 20.33
CA THR B 177 -4.49 8.21 20.26
C THR B 177 -4.83 7.49 21.55
N ARG B 178 -6.10 7.11 21.67
CA ARG B 178 -6.60 6.40 22.84
C ARG B 178 -6.59 4.91 22.53
N ILE B 179 -6.23 4.56 21.30
CA ILE B 179 -6.20 3.16 20.85
C ILE B 179 -4.94 2.46 21.35
N ARG B 180 -5.10 1.20 21.75
CA ARG B 180 -3.98 0.39 22.21
C ARG B 180 -3.15 0.01 20.98
N ILE B 181 -1.95 0.57 20.88
CA ILE B 181 -1.04 0.31 19.76
C ILE B 181 -0.24 -0.96 20.04
N THR B 182 -0.08 -1.81 19.04
CA THR B 182 0.66 -3.05 19.21
C THR B 182 1.97 -3.05 18.41
N ASP B 183 2.83 -4.03 18.67
CA ASP B 183 4.12 -4.15 17.98
C ASP B 183 3.93 -4.33 16.48
N ASN B 184 2.78 -4.88 16.10
CA ASN B 184 2.43 -5.12 14.70
C ASN B 184 1.98 -3.84 14.01
N MET B 185 2.34 -2.69 14.56
CA MET B 185 1.93 -1.44 13.96
C MET B 185 3.05 -0.43 14.09
N PHE B 186 3.00 0.60 13.27
CA PHE B 186 3.93 1.69 13.38
C PHE B 186 3.16 2.87 12.78
N CYS B 187 3.53 4.09 13.14
CA CYS B 187 2.83 5.26 12.63
C CYS B 187 3.86 6.14 11.94
N ALA B 188 3.40 6.93 10.98
CA ALA B 188 4.30 7.78 10.22
C ALA B 188 3.59 9.07 9.95
N GLY B 189 4.38 10.12 9.75
CA GLY B 189 3.84 11.43 9.47
C GLY B 189 4.68 12.49 10.14
N TYR B 190 4.47 13.73 9.76
CA TYR B 190 5.23 14.84 10.33
C TYR B 190 4.53 15.40 11.58
N LYS B 191 5.32 15.87 12.53
CA LYS B 191 4.78 16.46 13.74
C LYS B 191 4.31 17.88 13.37
N PRO B 192 3.40 18.47 14.16
CA PRO B 192 2.89 19.81 13.90
C PRO B 192 3.96 20.89 13.77
N ASP B 193 5.08 20.70 14.47
CA ASP B 193 6.15 21.68 14.43
C ASP B 193 7.13 21.46 13.28
N GLU B 194 7.16 20.23 12.77
CA GLU B 194 8.08 19.85 11.70
C GLU B 194 7.95 20.55 10.34
N GLY B 195 7.04 21.52 10.25
CA GLY B 195 6.85 22.24 9.01
C GLY B 195 6.05 21.44 8.00
N LYS B 196 6.71 20.53 7.30
CA LYS B 196 6.06 19.70 6.30
C LYS B 196 4.91 18.90 6.91
N ARG B 197 4.05 18.37 6.05
CA ARG B 197 2.91 17.56 6.49
C ARG B 197 2.51 16.68 5.31
N GLY B 198 1.56 15.78 5.54
CA GLY B 198 1.10 14.86 4.50
C GLY B 198 0.57 13.59 5.14
N ASP B 199 -0.27 12.83 4.45
CA ASP B 199 -0.81 11.63 5.05
C ASP B 199 -1.67 10.89 4.05
N ALA B 200 -1.97 9.63 4.36
CA ALA B 200 -2.84 8.81 3.54
C ALA B 200 -4.26 9.31 3.85
N CYS B 201 -5.26 8.79 3.16
CA CYS B 201 -6.63 9.22 3.41
C CYS B 201 -7.56 8.19 2.82
N GLU B 202 -8.87 8.40 2.98
CA GLU B 202 -9.87 7.47 2.44
C GLU B 202 -9.54 7.17 0.98
N GLY B 203 -9.67 5.90 0.61
CA GLY B 203 -9.37 5.48 -0.74
C GLY B 203 -7.95 4.95 -0.84
N ASP B 204 -7.08 5.35 0.11
CA ASP B 204 -5.70 4.94 0.17
C ASP B 204 -5.38 3.68 0.96
N SER B 205 -6.20 3.38 1.95
CA SER B 205 -5.97 2.23 2.82
C SER B 205 -5.76 0.91 2.08
N GLY B 206 -5.00 0.01 2.72
CA GLY B 206 -4.66 -1.26 2.10
C GLY B 206 -3.39 -1.06 1.24
N GLY B 207 -3.09 0.18 0.91
CA GLY B 207 -1.93 0.51 0.11
C GLY B 207 -0.59 0.38 0.80
N PRO B 208 0.51 0.44 0.02
CA PRO B 208 1.88 0.32 0.50
C PRO B 208 2.62 1.51 1.07
N PHE B 209 3.49 1.19 2.03
CA PHE B 209 4.38 2.16 2.68
C PHE B 209 5.70 1.49 2.34
N VAL B 210 6.42 2.04 1.35
CA VAL B 210 7.68 1.45 0.93
C VAL B 210 8.87 2.29 1.25
N MET B 211 10.01 1.61 1.38
CA MET B 211 11.28 2.25 1.65
C MET B 211 12.30 1.64 0.69
N LYS B 212 13.24 2.46 0.23
CA LYS B 212 14.27 1.99 -0.67
C LYS B 212 15.55 1.76 0.14
N SER B 213 16.03 0.52 0.15
CA SER B 213 17.23 0.17 0.88
C SER B 213 18.45 0.84 0.29
N PRO B 214 19.20 1.59 1.11
CA PRO B 214 20.41 2.29 0.65
C PRO B 214 21.60 1.31 0.46
N PHE B 215 21.37 0.05 0.83
CA PHE B 215 22.37 -1.00 0.72
C PHE B 215 22.34 -1.69 -0.63
N ASN B 216 21.14 -2.06 -1.08
CA ASN B 216 21.00 -2.75 -2.36
C ASN B 216 20.11 -2.05 -3.39
N ASN B 217 19.64 -0.85 -3.05
CA ASN B 217 18.78 -0.06 -3.94
C ASN B 217 17.45 -0.69 -4.35
N ARG B 218 16.89 -1.53 -3.50
CA ARG B 218 15.60 -2.13 -3.80
C ARG B 218 14.55 -1.44 -2.98
N TRP B 219 13.30 -1.57 -3.40
CA TRP B 219 12.18 -0.98 -2.67
C TRP B 219 11.58 -2.12 -1.92
N TYR B 220 11.32 -1.92 -0.64
CA TYR B 220 10.72 -2.95 0.20
C TYR B 220 9.48 -2.35 0.81
N GLN B 221 8.41 -3.14 0.92
CA GLN B 221 7.18 -2.65 1.55
C GLN B 221 7.26 -2.93 3.05
N MET B 222 7.40 -1.87 3.84
CA MET B 222 7.49 -2.01 5.28
C MET B 222 6.13 -1.94 5.92
N GLY B 223 5.21 -1.21 5.30
CA GLY B 223 3.89 -1.09 5.87
C GLY B 223 2.71 -1.06 4.91
N ILE B 224 1.52 -1.26 5.49
CA ILE B 224 0.27 -1.24 4.77
C ILE B 224 -0.55 -0.16 5.46
N VAL B 225 -1.11 0.76 4.69
CA VAL B 225 -1.95 1.84 5.23
C VAL B 225 -3.12 1.15 5.95
N SER B 226 -3.09 1.21 7.28
CA SER B 226 -4.10 0.54 8.11
C SER B 226 -5.29 1.38 8.56
N TRP B 227 -5.03 2.42 9.32
CA TRP B 227 -6.07 3.28 9.86
C TRP B 227 -5.56 4.66 10.22
N GLY B 228 -6.50 5.59 10.42
CA GLY B 228 -6.15 6.94 10.77
C GLY B 228 -7.39 7.67 11.23
N GLU B 229 -7.18 8.73 12.01
CA GLU B 229 -8.26 9.55 12.52
C GLU B 229 -8.28 10.80 11.63
N GLY B 230 -9.18 10.80 10.66
CA GLY B 230 -9.25 11.92 9.75
C GLY B 230 -8.17 11.73 8.70
N CYS B 231 -7.56 12.83 8.26
CA CYS B 231 -6.52 12.78 7.26
C CYS B 231 -5.70 14.06 7.38
N ASP B 232 -4.42 13.90 7.69
CA ASP B 232 -3.48 15.01 7.84
C ASP B 232 -3.96 16.08 8.82
N ARG B 233 -4.19 15.66 10.06
CA ARG B 233 -4.61 16.57 11.11
C ARG B 233 -3.39 16.88 11.97
N ASP B 234 -3.35 18.07 12.56
CA ASP B 234 -2.24 18.42 13.42
C ASP B 234 -2.27 17.49 14.63
N GLY B 235 -1.14 16.86 14.91
CA GLY B 235 -1.05 15.97 16.05
C GLY B 235 -1.50 14.54 15.85
N LYS B 236 -2.03 14.22 14.67
CA LYS B 236 -2.47 12.85 14.39
C LYS B 236 -1.47 12.20 13.45
N TYR B 237 -1.44 10.86 13.44
CA TYR B 237 -0.51 10.13 12.60
C TYR B 237 -1.20 8.99 11.82
N GLY B 238 -0.55 8.56 10.74
CA GLY B 238 -1.11 7.46 9.97
C GLY B 238 -0.59 6.18 10.59
N PHE B 239 -1.42 5.16 10.69
CA PHE B 239 -0.98 3.90 11.27
C PHE B 239 -0.88 2.85 10.18
N TYR B 240 0.18 2.06 10.26
CA TYR B 240 0.48 1.04 9.27
C TYR B 240 0.73 -0.32 9.87
N THR B 241 0.31 -1.36 9.16
CA THR B 241 0.57 -2.74 9.56
C THR B 241 2.08 -2.97 9.42
N HIS B 242 2.71 -3.52 10.45
CA HIS B 242 4.15 -3.80 10.42
C HIS B 242 4.32 -5.05 9.55
N VAL B 243 4.61 -4.87 8.26
CA VAL B 243 4.73 -6.03 7.34
C VAL B 243 5.68 -7.13 7.80
N PHE B 244 6.90 -6.79 8.21
CA PHE B 244 7.81 -7.82 8.66
C PHE B 244 7.34 -8.69 9.85
N ARG B 245 6.71 -8.09 10.86
CA ARG B 245 6.26 -8.85 12.02
C ARG B 245 5.26 -9.94 11.66
N LEU B 246 4.72 -9.87 10.47
CA LEU B 246 3.75 -10.86 10.06
C LEU B 246 4.15 -11.62 8.80
N LYS B 247 5.43 -11.49 8.40
CA LYS B 247 5.89 -12.16 7.19
C LYS B 247 5.79 -13.67 7.28
N LYS B 248 5.87 -14.20 8.50
CA LYS B 248 5.78 -15.63 8.74
C LYS B 248 4.40 -16.11 8.28
N TRP B 249 3.38 -15.29 8.54
CA TRP B 249 2.04 -15.64 8.11
C TRP B 249 1.96 -15.54 6.57
N ILE B 250 2.66 -14.56 6.00
CA ILE B 250 2.68 -14.38 4.55
C ILE B 250 3.38 -15.56 3.91
N GLN B 251 4.53 -15.96 4.46
CA GLN B 251 5.29 -17.08 3.93
C GLN B 251 4.47 -18.34 4.03
N LYS B 252 3.94 -18.65 5.20
CA LYS B 252 3.15 -19.86 5.32
C LYS B 252 1.97 -19.95 4.37
N VAL B 253 1.30 -18.83 4.13
CA VAL B 253 0.16 -18.79 3.21
C VAL B 253 0.62 -19.04 1.77
N ILE B 254 1.61 -18.28 1.33
CA ILE B 254 2.12 -18.42 -0.03
C ILE B 254 2.72 -19.80 -0.28
N ASP B 255 3.50 -20.34 0.66
CA ASP B 255 4.04 -21.66 0.42
C ASP B 255 3.14 -22.75 0.99
N GLN B 256 1.83 -22.51 0.90
CA GLN B 256 0.84 -23.47 1.36
C GLN B 256 -0.20 -23.66 0.28
N PHE B 257 -0.70 -22.56 -0.26
CA PHE B 257 -1.70 -22.58 -1.32
C PHE B 257 -1.15 -21.80 -2.52
N GLY B 258 -0.02 -21.14 -2.29
CA GLY B 258 0.55 -20.30 -3.32
C GLY B 258 1.25 -20.84 -4.53
N GLU B 259 1.43 -19.90 -5.44
CA GLU B 259 2.10 -20.05 -6.72
C GLU B 259 2.62 -18.63 -6.95
N ASP C 1 -17.40 8.32 -11.02
CA ASP C 1 -16.98 8.82 -12.35
C ASP C 1 -15.89 7.96 -13.00
N PHE C 2 -16.06 6.64 -12.91
CA PHE C 2 -15.10 5.70 -13.47
C PHE C 2 -15.42 5.37 -14.93
N GLU C 3 -14.41 5.03 -15.71
CA GLU C 3 -14.63 4.67 -17.10
C GLU C 3 -14.98 3.21 -17.18
N GLU C 4 -15.90 2.86 -18.07
CA GLU C 4 -16.33 1.47 -18.25
C GLU C 4 -15.12 0.62 -18.62
N ILE C 5 -15.01 -0.55 -18.03
CA ILE C 5 -13.91 -1.45 -18.33
C ILE C 5 -14.48 -2.54 -19.22
N PRO C 6 -13.62 -3.30 -19.92
CA PRO C 6 -14.09 -4.38 -20.80
C PRO C 6 -14.94 -5.42 -20.09
N GLU C 7 -16.15 -5.63 -20.57
CA GLU C 7 -17.08 -6.62 -20.01
C GLU C 7 -16.42 -7.98 -19.79
N GLU C 8 -15.35 -8.24 -20.55
CA GLU C 8 -14.64 -9.51 -20.47
C GLU C 8 -14.15 -9.86 -19.07
N TYS C 9 -14.01 -8.87 -18.19
CA TYS C 9 -13.52 -9.11 -16.84
CB TYS C 9 -12.67 -7.93 -16.38
CG TYS C 9 -11.51 -7.64 -17.29
CD1 TYS C 9 -10.52 -8.60 -17.51
CD2 TYS C 9 -11.41 -6.42 -17.95
CE1 TYS C 9 -9.47 -8.34 -18.37
CE2 TYS C 9 -10.37 -6.16 -18.81
CZ TYS C 9 -9.40 -7.12 -19.02
OH TYS C 9 -8.41 -6.87 -19.90
S TYS C 9 -7.01 -6.31 -19.38
O1 TYS C 9 -7.17 -5.00 -18.80
O2 TYS C 9 -6.51 -7.21 -18.38
O3 TYS C 9 -6.10 -6.25 -20.48
C TYS C 9 -14.61 -9.37 -15.82
O TYS C 9 -14.38 -9.22 -14.62
N LEU C 10 -15.80 -9.77 -16.29
CA LEU C 10 -16.93 -10.04 -15.42
C LEU C 10 -17.59 -11.38 -15.82
C2 C24 D . -7.93 5.00 6.59
N10 C24 D . -8.92 4.13 6.45
C11 C24 D . -9.05 2.88 7.20
C12 C24 D . -9.61 2.98 8.61
N16 C24 D . -9.40 4.07 9.36
C15 C24 D . -10.00 3.70 10.50
C18 C24 D . -10.06 4.47 11.62
C19 C24 D . -10.69 4.04 12.75
C40 C24 D . -10.68 4.89 13.90
O21 C24 D . -10.90 6.09 13.66
N22 C24 D . -10.38 4.48 15.15
C23 C24 D . -9.96 3.20 15.36
C24 C24 D . -8.65 2.93 15.15
C25 C24 D . -8.17 1.62 15.15
C26 C24 D . -9.03 0.58 15.38
C27 C24 D . -10.38 0.84 15.61
N28 C24 D . -10.83 2.19 15.58
C29 C24 D . -10.41 5.39 16.29
C30 C24 D . -9.15 6.23 16.40
C31 C24 D . -9.08 7.04 17.68
O32 C24 D . -8.46 6.62 18.66
O33 C24 D . -9.71 8.36 17.75
C34 C24 D . -11.07 8.33 18.27
C35 C24 D . -11.06 8.14 19.78
C20 C24 D . -11.24 2.75 12.63
C21 C24 D . -11.18 1.95 11.48
C14 C24 D . -10.54 2.47 10.42
N13 C24 D . -10.31 1.98 9.19
C17 C24 D . -10.74 0.70 8.61
C3 C24 D . -6.68 4.63 6.91
C4 C24 D . -5.70 5.59 7.12
C5 C24 D . -5.97 6.91 7.05
C7 C24 D . -5.00 7.87 7.33
N9 C24 D . -3.76 7.52 7.64
N8 C24 D . -5.31 9.16 7.30
C6 C24 D . -7.22 7.25 6.72
C1 C24 D . -8.21 6.29 6.50
#